data_9CLR
#
_entry.id   9CLR
#
_cell.length_a   49.966
_cell.length_b   80.751
_cell.length_c   135.456
_cell.angle_alpha   90.000
_cell.angle_beta   90.000
_cell.angle_gamma   90.000
#
_symmetry.space_group_name_H-M   'P 21 21 21'
#
loop_
_entity.id
_entity.type
_entity.pdbx_description
1 polymer 'Seventy-one-substitution variants of hydroxynitrile lyase'
2 non-polymer GLYCEROL
3 non-polymer 'MAGNESIUM ION'
4 non-polymer 'CHLORIDE ION'
5 water water
#
_entity_poly.entity_id   1
_entity_poly.type   'polypeptide(L)'
_entity_poly.pdbx_seq_one_letter_code
;MAFAHFVLVHGACHGGWSWHKLKPLLEALGHKVTALDLAASGVDPRQIEELGTLDEYTEPLLTFLEALPPGEKVILVGHS
LGGMNLGIAADKYCEKIAAAVFLAAFMPDTEHCSSFVLEQYNERTPAENWLDTQFLTYTKDGKEITSMFFGPKFLAHKLY
QL(CSO)GPEDLELASMLVRPSSLMMEILAKRPFFTKEGYGSIKKIYIVCTEDKGIPEEFQRWQIENYKPDKVYKVEGAD
HMAMLCKTKELAEILQEVADTYNAAALEHHHHHH
;
_entity_poly.pdbx_strand_id   A,B
#
# COMPACT_ATOMS: atom_id res chain seq x y z
N ALA A 2 -6.35 22.21 -20.51
CA ALA A 2 -7.02 22.70 -19.30
C ALA A 2 -6.96 21.65 -18.19
N PHE A 3 -8.09 21.41 -17.53
CA PHE A 3 -8.15 20.43 -16.44
C PHE A 3 -8.88 19.19 -16.93
N ALA A 4 -8.32 18.03 -16.64
CA ALA A 4 -8.87 16.77 -17.10
C ALA A 4 -9.25 15.89 -15.91
N HIS A 5 -9.91 14.79 -16.20
CA HIS A 5 -10.14 13.72 -15.24
C HIS A 5 -9.23 12.54 -15.64
N PHE A 6 -8.17 12.33 -14.87
CA PHE A 6 -7.25 11.22 -15.10
C PHE A 6 -7.72 9.98 -14.36
N VAL A 7 -7.86 8.89 -15.08
CA VAL A 7 -8.17 7.58 -14.52
C VAL A 7 -6.90 6.74 -14.68
N LEU A 8 -6.27 6.41 -13.54
CA LEU A 8 -4.98 5.73 -13.50
C LEU A 8 -5.21 4.24 -13.27
N VAL A 9 -4.61 3.41 -14.13
CA VAL A 9 -4.83 1.97 -14.10
C VAL A 9 -3.48 1.26 -13.93
N HIS A 10 -3.33 0.58 -12.80
CA HIS A 10 -2.10 -0.09 -12.40
C HIS A 10 -1.86 -1.35 -13.22
N GLY A 11 -0.68 -1.94 -13.03
CA GLY A 11 -0.29 -3.14 -13.72
C GLY A 11 -0.37 -4.39 -12.87
N ALA A 12 0.19 -5.47 -13.41
CA ALA A 12 0.13 -6.78 -12.79
C ALA A 12 0.75 -6.74 -11.39
N CYS A 13 0.06 -7.38 -10.44
CA CYS A 13 0.49 -7.56 -9.06
C CYS A 13 0.49 -6.27 -8.26
N HIS A 14 0.14 -5.15 -8.87
CA HIS A 14 0.18 -3.88 -8.18
C HIS A 14 -1.26 -3.43 -7.91
N GLY A 15 -1.40 -2.19 -7.49
CA GLY A 15 -2.72 -1.68 -7.20
C GLY A 15 -2.71 -0.17 -7.29
N GLY A 16 -3.84 0.42 -6.85
CA GLY A 16 -3.95 1.87 -6.85
C GLY A 16 -2.78 2.54 -6.16
N TRP A 17 -2.24 1.88 -5.14
CA TRP A 17 -1.14 2.46 -4.37
C TRP A 17 0.07 2.84 -5.23
N SER A 18 0.24 2.25 -6.42
CA SER A 18 1.47 2.60 -7.12
C SER A 18 1.40 4.01 -7.70
N TRP A 19 0.23 4.63 -7.70
CA TRP A 19 0.04 6.00 -8.18
C TRP A 19 0.04 7.03 -7.06
N HIS A 20 0.48 6.64 -5.84
CA HIS A 20 0.31 7.49 -4.66
C HIS A 20 1.20 8.73 -4.69
N LYS A 21 2.29 8.73 -5.48
CA LYS A 21 3.08 9.94 -5.66
C LYS A 21 2.58 10.81 -6.81
N LEU A 22 1.99 10.21 -7.85
CA LEU A 22 1.60 10.98 -9.03
C LEU A 22 0.27 11.69 -8.83
N LYS A 23 -0.72 11.00 -8.26
CA LYS A 23 -2.03 11.57 -8.00
C LYS A 23 -1.97 12.94 -7.32
N PRO A 24 -1.27 13.12 -6.18
CA PRO A 24 -1.23 14.47 -5.59
C PRO A 24 -0.64 15.51 -6.54
N LEU A 25 0.27 15.12 -7.42
CA LEU A 25 0.86 16.06 -8.36
C LEU A 25 -0.16 16.51 -9.38
N LEU A 26 -0.90 15.56 -9.95
CA LEU A 26 -1.97 15.92 -10.89
C LEU A 26 -3.05 16.74 -10.20
N GLU A 27 -3.32 16.44 -8.92
CA GLU A 27 -4.35 17.20 -8.21
C GLU A 27 -3.91 18.63 -7.93
N ALA A 28 -2.64 18.82 -7.60
CA ALA A 28 -2.13 20.18 -7.44
C ALA A 28 -2.16 20.96 -8.76
N LEU A 29 -2.28 20.27 -9.89
CA LEU A 29 -2.43 20.91 -11.18
C LEU A 29 -3.90 21.16 -11.52
N GLY A 30 -4.82 20.86 -10.62
CA GLY A 30 -6.22 21.14 -10.84
C GLY A 30 -7.02 20.02 -11.43
N HIS A 31 -6.42 18.86 -11.69
CA HIS A 31 -7.14 17.75 -12.28
C HIS A 31 -7.88 16.93 -11.23
N LYS A 32 -8.92 16.23 -11.69
CA LYS A 32 -9.54 15.16 -10.94
C LYS A 32 -8.79 13.85 -11.25
N VAL A 33 -8.53 13.05 -10.21
CA VAL A 33 -7.72 11.84 -10.36
C VAL A 33 -8.41 10.68 -9.68
N THR A 34 -8.61 9.60 -10.43
CA THR A 34 -9.14 8.35 -9.91
C THR A 34 -8.09 7.27 -10.12
N ALA A 35 -7.73 6.57 -9.06
CA ALA A 35 -6.72 5.50 -9.11
C ALA A 35 -7.38 4.24 -8.58
N LEU A 36 -7.80 3.37 -9.49
CA LEU A 36 -8.59 2.20 -9.15
C LEU A 36 -7.72 1.08 -8.62
N ASP A 37 -8.33 0.22 -7.80
CA ASP A 37 -7.85 -1.15 -7.61
C ASP A 37 -8.61 -2.00 -8.60
N LEU A 38 -7.90 -2.73 -9.45
CA LEU A 38 -8.61 -3.72 -10.24
C LEU A 38 -8.97 -4.90 -9.33
N ALA A 39 -9.67 -5.88 -9.89
CA ALA A 39 -10.09 -7.03 -9.09
C ALA A 39 -8.88 -7.79 -8.55
N ALA A 40 -9.00 -8.26 -7.30
CA ALA A 40 -7.93 -9.00 -6.60
C ALA A 40 -6.60 -8.24 -6.59
N SER A 41 -6.66 -6.92 -6.60
CA SER A 41 -5.46 -6.09 -6.56
C SER A 41 -5.58 -5.08 -5.43
N GLY A 42 -4.43 -4.59 -4.97
CA GLY A 42 -4.43 -3.68 -3.84
C GLY A 42 -5.20 -4.27 -2.68
N VAL A 43 -6.16 -3.50 -2.17
CA VAL A 43 -7.02 -3.97 -1.10
C VAL A 43 -8.40 -4.40 -1.60
N ASP A 44 -8.56 -4.62 -2.90
CA ASP A 44 -9.76 -5.30 -3.35
C ASP A 44 -9.93 -6.61 -2.58
N PRO A 45 -11.14 -6.93 -2.12
CA PRO A 45 -11.31 -8.15 -1.30
C PRO A 45 -11.28 -9.44 -2.10
N ARG A 46 -11.43 -9.38 -3.42
CA ARG A 46 -11.40 -10.61 -4.20
C ARG A 46 -10.01 -11.23 -4.16
N GLN A 47 -9.97 -12.54 -4.38
CA GLN A 47 -8.71 -13.26 -4.57
C GLN A 47 -8.60 -13.68 -6.03
N ILE A 48 -7.37 -13.87 -6.50
CA ILE A 48 -7.16 -14.14 -7.94
C ILE A 48 -7.93 -15.38 -8.38
N GLU A 49 -8.22 -16.30 -7.45
CA GLU A 49 -8.84 -17.56 -7.85
C GLU A 49 -10.26 -17.39 -8.36
N GLU A 50 -10.87 -16.23 -8.11
CA GLU A 50 -12.25 -15.96 -8.55
C GLU A 50 -12.31 -15.27 -9.90
N LEU A 51 -11.16 -14.94 -10.49
CA LEU A 51 -11.12 -14.23 -11.76
C LEU A 51 -10.81 -15.20 -12.87
N GLY A 52 -11.65 -15.17 -13.91
CA GLY A 52 -11.50 -16.10 -15.01
C GLY A 52 -10.93 -15.44 -16.25
N THR A 53 -11.19 -14.14 -16.43
CA THR A 53 -10.79 -13.45 -17.67
C THR A 53 -10.19 -12.08 -17.35
N LEU A 54 -9.45 -11.55 -18.34
CA LEU A 54 -9.02 -10.17 -18.26
C LEU A 54 -10.21 -9.22 -18.13
N ASP A 55 -11.32 -9.55 -18.78
CA ASP A 55 -12.52 -8.72 -18.66
C ASP A 55 -12.99 -8.64 -17.21
N GLU A 56 -12.99 -9.78 -16.50
CA GLU A 56 -13.41 -9.78 -15.11
C GLU A 56 -12.40 -9.07 -14.21
N TYR A 57 -11.11 -9.23 -14.50
CA TYR A 57 -10.08 -8.47 -13.81
C TYR A 57 -10.31 -6.95 -13.94
N THR A 58 -10.82 -6.51 -15.10
CA THR A 58 -11.05 -5.09 -15.37
C THR A 58 -12.34 -4.55 -14.75
N GLU A 59 -13.16 -5.40 -14.14
CA GLU A 59 -14.50 -4.98 -13.68
C GLU A 59 -14.52 -3.63 -12.97
N PRO A 60 -13.66 -3.34 -11.99
CA PRO A 60 -13.78 -2.02 -11.33
C PRO A 60 -13.60 -0.87 -12.29
N LEU A 61 -12.75 -1.01 -13.30
CA LEU A 61 -12.59 0.04 -14.30
C LEU A 61 -13.87 0.20 -15.11
N LEU A 62 -14.47 -0.90 -15.55
CA LEU A 62 -15.70 -0.81 -16.33
C LEU A 62 -16.83 -0.21 -15.50
N THR A 63 -17.00 -0.70 -14.26
CA THR A 63 -17.98 -0.16 -13.33
C THR A 63 -17.84 1.34 -13.17
N PHE A 64 -16.63 1.81 -12.90
CA PHE A 64 -16.43 3.24 -12.73
C PHE A 64 -16.79 4.02 -14.00
N LEU A 65 -16.37 3.53 -15.17
CA LEU A 65 -16.67 4.27 -16.40
C LEU A 65 -18.19 4.29 -16.66
N GLU A 66 -18.86 3.18 -16.39
CA GLU A 66 -20.31 3.11 -16.61
C GLU A 66 -21.03 4.13 -15.75
N ALA A 67 -20.54 4.37 -14.53
CA ALA A 67 -21.18 5.35 -13.66
C ALA A 67 -20.96 6.79 -14.09
N LEU A 68 -20.06 7.05 -15.05
CA LEU A 68 -19.69 8.41 -15.37
C LEU A 68 -20.89 9.19 -15.92
N PRO A 69 -21.17 10.38 -15.42
CA PRO A 69 -22.36 11.13 -15.87
C PRO A 69 -22.19 11.63 -17.30
N PRO A 70 -23.29 11.96 -17.99
CA PRO A 70 -23.16 12.41 -19.38
C PRO A 70 -22.25 13.63 -19.47
N GLY A 71 -21.54 13.72 -20.58
CA GLY A 71 -20.59 14.80 -20.78
C GLY A 71 -19.23 14.59 -20.16
N GLU A 72 -19.10 13.71 -19.17
CA GLU A 72 -17.83 13.55 -18.47
C GLU A 72 -16.90 12.67 -19.31
N LYS A 73 -15.73 13.18 -19.62
CA LYS A 73 -14.74 12.43 -20.37
C LYS A 73 -13.45 12.34 -19.58
N VAL A 74 -12.76 11.21 -19.72
CA VAL A 74 -11.59 10.88 -18.92
C VAL A 74 -10.39 10.63 -19.82
N ILE A 75 -9.20 10.86 -19.27
CA ILE A 75 -7.97 10.40 -19.92
C ILE A 75 -7.51 9.16 -19.15
N LEU A 76 -7.53 8.02 -19.84
CA LEU A 76 -7.03 6.78 -19.25
C LEU A 76 -5.50 6.77 -19.23
N VAL A 77 -4.92 6.31 -18.12
CA VAL A 77 -3.49 6.13 -18.02
C VAL A 77 -3.22 4.72 -17.51
N GLY A 78 -2.57 3.92 -18.34
CA GLY A 78 -2.37 2.51 -18.05
C GLY A 78 -0.90 2.18 -17.94
N HIS A 79 -0.55 1.40 -16.94
CA HIS A 79 0.83 1.00 -16.70
C HIS A 79 0.92 -0.49 -16.92
N SER A 80 1.90 -0.92 -17.72
CA SER A 80 2.24 -2.35 -17.86
C SER A 80 1.01 -3.11 -18.36
N LEU A 81 0.59 -4.20 -17.70
CA LEU A 81 -0.67 -4.86 -18.05
C LEU A 81 -1.86 -3.90 -18.08
N GLY A 82 -1.78 -2.77 -17.38
CA GLY A 82 -2.88 -1.83 -17.42
C GLY A 82 -3.28 -1.42 -18.84
N GLY A 83 -2.33 -1.47 -19.78
CA GLY A 83 -2.65 -1.11 -21.15
C GLY A 83 -3.71 -2.01 -21.75
N MET A 84 -3.68 -3.31 -21.39
CA MET A 84 -4.76 -4.18 -21.83
C MET A 84 -6.08 -3.80 -21.19
N ASN A 85 -6.07 -3.39 -19.91
CA ASN A 85 -7.31 -2.93 -19.29
C ASN A 85 -7.88 -1.74 -20.05
N LEU A 86 -6.99 -0.89 -20.55
CA LEU A 86 -7.39 0.26 -21.37
C LEU A 86 -8.11 -0.19 -22.64
N GLY A 87 -7.53 -1.16 -23.34
CA GLY A 87 -8.19 -1.66 -24.54
C GLY A 87 -9.56 -2.24 -24.25
N ILE A 88 -9.68 -3.01 -23.17
CA ILE A 88 -10.99 -3.52 -22.77
C ILE A 88 -11.95 -2.37 -22.48
N ALA A 89 -11.49 -1.39 -21.70
CA ALA A 89 -12.38 -0.29 -21.31
C ALA A 89 -12.73 0.57 -22.52
N ALA A 90 -11.74 0.87 -23.37
CA ALA A 90 -12.00 1.72 -24.52
C ALA A 90 -12.98 1.06 -25.49
N ASP A 91 -13.01 -0.27 -25.55
CA ASP A 91 -13.95 -0.88 -26.47
C ASP A 91 -15.37 -0.92 -25.94
N LYS A 92 -15.59 -0.67 -24.66
CA LYS A 92 -16.94 -0.62 -24.13
C LYS A 92 -17.43 0.82 -23.92
N TYR A 93 -16.55 1.75 -23.60
CA TYR A 93 -16.97 3.10 -23.25
C TYR A 93 -16.20 4.13 -24.03
N CYS A 94 -15.98 3.90 -25.34
CA CYS A 94 -15.13 4.80 -26.09
C CYS A 94 -15.68 6.21 -26.13
N GLU A 95 -17.00 6.39 -26.09
CA GLU A 95 -17.56 7.73 -26.09
C GLU A 95 -17.16 8.53 -24.86
N LYS A 96 -16.64 7.88 -23.82
CA LYS A 96 -16.30 8.54 -22.57
C LYS A 96 -14.81 8.81 -22.41
N ILE A 97 -13.99 8.48 -23.40
CA ILE A 97 -12.55 8.52 -23.25
C ILE A 97 -11.98 9.60 -24.15
N ALA A 98 -11.44 10.65 -23.52
CA ALA A 98 -10.77 11.70 -24.29
C ALA A 98 -9.49 11.18 -24.94
N ALA A 99 -8.79 10.28 -24.27
CA ALA A 99 -7.49 9.82 -24.74
C ALA A 99 -7.01 8.70 -23.81
N ALA A 100 -6.11 7.86 -24.31
CA ALA A 100 -5.49 6.83 -23.49
C ALA A 100 -3.97 6.95 -23.55
N VAL A 101 -3.35 6.91 -22.38
CA VAL A 101 -1.90 7.02 -22.23
C VAL A 101 -1.35 5.66 -21.81
N PHE A 102 -0.35 5.18 -22.53
CA PHE A 102 0.24 3.88 -22.31
C PHE A 102 1.64 4.12 -21.75
N LEU A 103 1.75 4.03 -20.42
CA LEU A 103 2.99 4.26 -19.70
C LEU A 103 3.73 2.94 -19.61
N ALA A 104 4.76 2.78 -20.46
CA ALA A 104 5.58 1.57 -20.48
C ALA A 104 4.70 0.33 -20.45
N ALA A 105 3.65 0.35 -21.24
CA ALA A 105 2.57 -0.59 -21.08
C ALA A 105 2.43 -1.44 -22.33
N PHE A 106 1.59 -2.47 -22.21
CA PHE A 106 1.13 -3.22 -23.37
C PHE A 106 0.10 -2.39 -24.12
N MET A 107 0.41 -2.04 -25.37
CA MET A 107 -0.51 -1.39 -26.29
C MET A 107 -1.02 -2.38 -27.31
N PRO A 108 -2.23 -2.91 -27.16
CA PRO A 108 -2.75 -3.83 -28.18
C PRO A 108 -3.12 -3.05 -29.44
N ASP A 109 -3.45 -3.79 -30.49
CA ASP A 109 -3.85 -3.12 -31.72
C ASP A 109 -5.18 -3.66 -32.23
N THR A 110 -5.53 -3.34 -33.47
CA THR A 110 -6.77 -3.85 -34.04
C THR A 110 -6.56 -4.85 -35.17
N GLU A 111 -5.36 -4.90 -35.75
CA GLU A 111 -5.09 -5.80 -36.86
C GLU A 111 -4.72 -7.21 -36.40
N HIS A 112 -4.14 -7.32 -35.22
CA HIS A 112 -3.84 -8.63 -34.65
C HIS A 112 -4.88 -9.01 -33.59
N CYS A 113 -4.85 -10.27 -33.19
CA CYS A 113 -5.72 -10.75 -32.13
C CYS A 113 -5.40 -10.03 -30.83
N SER A 114 -6.37 -10.04 -29.91
CA SER A 114 -6.32 -9.14 -28.77
C SER A 114 -5.08 -9.39 -27.90
N SER A 115 -4.63 -10.65 -27.80
CA SER A 115 -3.51 -10.98 -26.95
C SER A 115 -2.15 -10.91 -27.64
N PHE A 116 -2.11 -10.42 -28.89
CA PHE A 116 -0.89 -10.47 -29.70
C PHE A 116 0.34 -9.92 -28.97
N VAL A 117 0.24 -8.71 -28.42
CA VAL A 117 1.42 -8.12 -27.79
C VAL A 117 1.89 -8.94 -26.59
N LEU A 118 0.96 -9.59 -25.86
CA LEU A 118 1.35 -10.43 -24.74
C LEU A 118 2.04 -11.70 -25.22
N GLU A 119 1.44 -12.37 -26.22
CA GLU A 119 2.09 -13.53 -26.82
C GLU A 119 3.48 -13.19 -27.31
N GLN A 120 3.63 -12.06 -28.02
CA GLN A 120 4.94 -11.68 -28.52
C GLN A 120 5.87 -11.33 -27.36
N TYR A 121 5.35 -10.64 -26.35
CA TYR A 121 6.17 -10.37 -25.18
C TYR A 121 6.63 -11.67 -24.54
N ASN A 122 5.73 -12.64 -24.43
CA ASN A 122 6.11 -13.95 -23.89
C ASN A 122 7.23 -14.57 -24.74
N GLU A 123 7.08 -14.55 -26.06
CA GLU A 123 8.06 -15.19 -26.94
C GLU A 123 9.42 -14.52 -26.89
N ARG A 124 9.51 -13.23 -26.61
CA ARG A 124 10.82 -12.60 -26.55
C ARG A 124 11.43 -12.63 -25.16
N THR A 125 10.73 -13.17 -24.18
CA THR A 125 11.21 -13.07 -22.80
C THR A 125 11.72 -14.42 -22.31
N PRO A 126 13.03 -14.59 -22.12
CA PRO A 126 13.53 -15.85 -21.55
C PRO A 126 13.09 -16.02 -20.11
N ALA A 127 12.68 -17.25 -19.78
CA ALA A 127 12.16 -17.56 -18.44
C ALA A 127 13.14 -17.22 -17.32
N GLU A 128 14.44 -17.09 -17.63
CA GLU A 128 15.39 -16.68 -16.60
C GLU A 128 15.11 -15.25 -16.15
N ASN A 129 14.61 -14.40 -17.04
CA ASN A 129 14.36 -13.01 -16.71
C ASN A 129 13.34 -12.86 -15.58
N TRP A 130 12.47 -13.84 -15.37
CA TRP A 130 11.49 -13.71 -14.29
C TRP A 130 12.08 -13.81 -12.90
N LEU A 131 13.35 -14.23 -12.77
CA LEU A 131 14.06 -14.33 -11.48
C LEU A 131 13.20 -15.16 -10.52
N ASP A 132 12.89 -14.65 -9.32
CA ASP A 132 12.13 -15.40 -8.32
C ASP A 132 10.62 -15.24 -8.46
N THR A 133 10.11 -14.93 -9.65
CA THR A 133 8.66 -14.80 -9.79
C THR A 133 8.02 -16.18 -9.71
N GLN A 134 6.91 -16.27 -9.00
CA GLN A 134 6.28 -17.55 -8.72
C GLN A 134 5.10 -17.75 -9.66
N PHE A 135 5.14 -18.83 -10.43
CA PHE A 135 4.05 -19.19 -11.32
C PHE A 135 3.37 -20.45 -10.79
N LEU A 136 2.10 -20.33 -10.44
CA LEU A 136 1.28 -21.44 -9.99
C LEU A 136 0.04 -21.55 -10.87
N THR A 137 -0.68 -22.67 -10.73
CA THR A 137 -1.92 -22.88 -11.47
C THR A 137 -3.09 -22.98 -10.50
N TYR A 138 -4.24 -22.50 -10.96
CA TYR A 138 -5.48 -22.64 -10.21
C TYR A 138 -6.59 -22.92 -11.22
N THR A 139 -7.74 -23.35 -10.70
CA THR A 139 -8.87 -23.72 -11.52
C THR A 139 -10.05 -22.81 -11.25
N LYS A 140 -10.84 -22.55 -12.30
CA LYS A 140 -12.12 -21.86 -12.17
C LYS A 140 -13.05 -22.42 -13.23
N ASP A 141 -14.23 -22.87 -12.80
CA ASP A 141 -15.20 -23.44 -13.73
C ASP A 141 -14.63 -24.69 -14.41
N GLU A 144 -8.23 -24.03 -15.38
CA GLU A 144 -6.77 -24.06 -15.46
C GLU A 144 -6.23 -22.70 -15.90
N ILE A 145 -5.69 -21.93 -14.94
CA ILE A 145 -5.22 -20.57 -15.21
C ILE A 145 -3.91 -20.37 -14.48
N THR A 146 -2.93 -19.79 -15.17
CA THR A 146 -1.61 -19.55 -14.60
C THR A 146 -1.58 -18.22 -13.87
N SER A 147 -1.14 -18.24 -12.61
CA SER A 147 -1.01 -17.04 -11.80
C SER A 147 0.44 -16.56 -11.77
N MET A 148 0.59 -15.23 -11.72
CA MET A 148 1.86 -14.52 -11.56
C MET A 148 1.97 -13.97 -10.15
N PHE A 149 3.16 -14.09 -9.56
CA PHE A 149 3.45 -13.41 -8.30
C PHE A 149 4.91 -13.01 -8.32
N PHE A 150 5.17 -11.71 -8.45
CA PHE A 150 6.54 -11.22 -8.49
C PHE A 150 7.23 -11.45 -7.16
N GLY A 151 8.48 -11.93 -7.20
CA GLY A 151 9.26 -12.12 -6.01
C GLY A 151 10.13 -10.91 -5.77
N PRO A 152 10.75 -10.84 -4.59
CA PRO A 152 11.53 -9.64 -4.24
C PRO A 152 12.69 -9.38 -5.17
N LYS A 153 13.34 -10.42 -5.69
CA LYS A 153 14.44 -10.21 -6.62
C LYS A 153 13.95 -9.57 -7.92
N PHE A 154 12.86 -10.11 -8.47
CA PHE A 154 12.31 -9.54 -9.70
C PHE A 154 11.92 -8.08 -9.50
N LEU A 155 11.29 -7.76 -8.37
CA LEU A 155 10.92 -6.37 -8.10
C LEU A 155 12.17 -5.49 -8.03
N ALA A 156 13.18 -5.97 -7.31
CA ALA A 156 14.38 -5.16 -7.09
C ALA A 156 15.20 -5.00 -8.36
N HIS A 157 15.21 -6.02 -9.23
CA HIS A 157 16.21 -6.09 -10.28
C HIS A 157 15.63 -5.78 -11.65
N LYS A 158 14.32 -5.94 -11.83
CA LYS A 158 13.65 -5.76 -13.11
C LYS A 158 12.60 -4.65 -13.13
N LEU A 159 12.10 -4.20 -11.97
CA LEU A 159 11.05 -3.17 -11.94
C LEU A 159 11.48 -1.90 -11.22
N TYR A 160 12.09 -2.01 -10.05
CA TYR A 160 12.38 -0.87 -9.19
C TYR A 160 13.87 -0.52 -9.13
N GLN A 161 14.69 -1.06 -10.04
CA GLN A 161 16.13 -0.95 -9.89
C GLN A 161 16.62 0.49 -9.84
N LEU A 162 15.86 1.45 -10.37
CA LEU A 162 16.24 2.85 -10.26
C LEU A 162 15.38 3.62 -9.25
N GLY A 164 13.94 4.23 -5.13
CA GLY A 164 14.52 4.19 -3.80
C GLY A 164 14.19 2.92 -3.04
N PRO A 165 14.90 2.65 -1.93
CA PRO A 165 14.56 1.45 -1.12
C PRO A 165 13.14 1.49 -0.55
N GLU A 166 12.62 2.68 -0.21
CA GLU A 166 11.26 2.75 0.31
C GLU A 166 10.24 2.37 -0.76
N ASP A 167 10.53 2.66 -2.04
CA ASP A 167 9.65 2.25 -3.12
C ASP A 167 9.62 0.73 -3.25
N LEU A 168 10.80 0.11 -3.26
CA LEU A 168 10.87 -1.35 -3.39
C LEU A 168 10.25 -2.03 -2.18
N GLU A 169 10.54 -1.52 -0.99
CA GLU A 169 9.98 -2.15 0.21
C GLU A 169 8.46 -2.06 0.19
N LEU A 170 7.92 -0.90 -0.23
CA LEU A 170 6.47 -0.73 -0.32
C LEU A 170 5.85 -1.78 -1.23
N ALA A 171 6.43 -1.99 -2.41
CA ALA A 171 5.93 -3.04 -3.31
C ALA A 171 6.05 -4.42 -2.67
N SER A 172 7.19 -4.71 -2.04
CA SER A 172 7.34 -6.00 -1.37
C SER A 172 6.21 -6.22 -0.36
N MET A 173 5.79 -5.15 0.29
CA MET A 173 4.74 -5.20 1.30
C MET A 173 3.35 -5.35 0.69
N LEU A 174 3.14 -4.99 -0.59
CA LEU A 174 1.79 -4.89 -1.15
C LEU A 174 1.52 -5.78 -2.36
N VAL A 175 2.54 -6.24 -3.10
CA VAL A 175 2.25 -6.92 -4.35
C VAL A 175 1.40 -8.14 -4.04
N ARG A 176 0.58 -8.55 -5.00
CA ARG A 176 -0.35 -9.64 -4.84
C ARG A 176 -0.37 -10.47 -6.12
N PRO A 177 -0.76 -11.73 -6.02
CA PRO A 177 -0.87 -12.56 -7.23
C PRO A 177 -1.74 -11.90 -8.30
N SER A 178 -1.37 -12.12 -9.55
CA SER A 178 -2.12 -11.60 -10.68
C SER A 178 -2.17 -12.69 -11.73
N SER A 179 -2.71 -12.36 -12.91
CA SER A 179 -2.67 -13.32 -14.00
C SER A 179 -2.76 -12.57 -15.32
N LEU A 180 -2.03 -13.05 -16.31
CA LEU A 180 -2.25 -12.63 -17.68
C LEU A 180 -3.42 -13.35 -18.32
N MET A 181 -4.04 -14.28 -17.58
CA MET A 181 -5.32 -14.88 -17.95
C MET A 181 -5.16 -15.82 -19.15
N PRO A 189 -11.55 -11.04 -28.25
CA PRO A 189 -10.96 -11.71 -29.42
C PRO A 189 -10.29 -10.71 -30.38
N PHE A 190 -10.88 -9.53 -30.52
CA PHE A 190 -10.28 -8.45 -31.30
C PHE A 190 -10.71 -7.13 -30.70
N PHE A 191 -9.77 -6.22 -30.50
CA PHE A 191 -10.13 -4.86 -30.17
C PHE A 191 -10.62 -4.17 -31.43
N THR A 192 -11.81 -3.54 -31.35
CA THR A 192 -12.49 -3.03 -32.54
C THR A 192 -11.86 -1.74 -33.07
N LYS A 193 -11.91 -1.58 -34.39
CA LYS A 193 -11.44 -0.32 -34.95
C LYS A 193 -12.36 0.82 -34.55
N GLU A 194 -13.66 0.56 -34.42
CA GLU A 194 -14.60 1.64 -34.17
C GLU A 194 -14.50 2.13 -32.73
N GLY A 195 -14.19 1.23 -31.80
CA GLY A 195 -14.10 1.61 -30.41
C GLY A 195 -12.69 1.97 -30.01
N TYR A 196 -11.93 0.98 -29.56
CA TYR A 196 -10.53 1.17 -29.20
C TYR A 196 -9.74 1.88 -30.29
N GLY A 197 -9.90 1.44 -31.54
CA GLY A 197 -9.15 2.02 -32.63
C GLY A 197 -9.36 3.51 -32.83
N SER A 198 -10.48 4.06 -32.36
CA SER A 198 -10.83 5.45 -32.62
C SER A 198 -10.27 6.44 -31.59
N ILE A 199 -9.74 5.96 -30.45
CA ILE A 199 -9.29 6.84 -29.37
C ILE A 199 -7.89 7.35 -29.68
N LYS A 200 -7.62 8.60 -29.31
CA LYS A 200 -6.25 9.08 -29.38
C LYS A 200 -5.39 8.38 -28.34
N LYS A 201 -4.22 7.90 -28.75
CA LYS A 201 -3.34 7.16 -27.85
C LYS A 201 -1.98 7.85 -27.78
N ILE A 202 -1.41 7.82 -26.58
CA ILE A 202 -0.11 8.41 -26.28
C ILE A 202 0.73 7.32 -25.62
N TYR A 203 1.98 7.19 -26.06
CA TYR A 203 2.88 6.24 -25.44
C TYR A 203 3.96 6.99 -24.70
N ILE A 204 4.25 6.56 -23.48
CA ILE A 204 5.35 7.09 -22.71
C ILE A 204 6.40 5.98 -22.58
N VAL A 205 7.53 6.15 -23.27
CA VAL A 205 8.61 5.16 -23.25
C VAL A 205 9.46 5.39 -22.01
N CYS A 206 9.74 4.32 -21.29
CA CYS A 206 10.64 4.38 -20.13
C CYS A 206 11.95 3.69 -20.53
N THR A 207 13.03 4.48 -20.63
CA THR A 207 14.20 4.01 -21.38
C THR A 207 15.03 2.99 -20.61
N GLU A 208 15.08 3.08 -19.28
CA GLU A 208 15.82 2.10 -18.50
C GLU A 208 14.94 0.95 -18.01
N ASP A 209 13.74 0.81 -18.57
CA ASP A 209 12.83 -0.26 -18.16
C ASP A 209 13.49 -1.61 -18.41
N LYS A 210 13.48 -2.47 -17.40
CA LYS A 210 13.94 -3.85 -17.53
C LYS A 210 12.81 -4.86 -17.43
N GLY A 211 11.59 -4.42 -17.14
CA GLY A 211 10.47 -5.33 -17.14
C GLY A 211 9.92 -5.45 -18.54
N ILE A 212 9.51 -4.32 -19.11
CA ILE A 212 9.18 -4.22 -20.52
C ILE A 212 10.29 -3.38 -21.17
N PRO A 213 11.29 -4.02 -21.77
CA PRO A 213 12.42 -3.26 -22.34
C PRO A 213 11.96 -2.23 -23.36
N GLU A 214 12.68 -1.11 -23.41
CA GLU A 214 12.41 -0.07 -24.39
C GLU A 214 12.26 -0.64 -25.80
N GLU A 215 13.08 -1.65 -26.16
CA GLU A 215 13.01 -2.21 -27.50
C GLU A 215 11.65 -2.82 -27.78
N PHE A 216 11.08 -3.50 -26.79
CA PHE A 216 9.70 -3.98 -26.94
C PHE A 216 8.74 -2.80 -26.99
N GLN A 217 8.97 -1.78 -26.17
CA GLN A 217 8.12 -0.61 -26.19
C GLN A 217 8.17 0.06 -27.56
N ARG A 218 9.37 0.24 -28.11
CA ARG A 218 9.50 0.77 -29.46
C ARG A 218 8.82 -0.16 -30.47
N TRP A 219 8.98 -1.47 -30.31
CA TRP A 219 8.32 -2.42 -31.19
C TRP A 219 6.81 -2.21 -31.24
N GLN A 220 6.18 -1.98 -30.08
CA GLN A 220 4.73 -1.80 -30.06
C GLN A 220 4.32 -0.49 -30.74
N ILE A 221 5.14 0.55 -30.60
CA ILE A 221 4.87 1.80 -31.30
C ILE A 221 4.99 1.58 -32.81
N GLU A 222 6.07 0.91 -33.24
CA GLU A 222 6.21 0.53 -34.64
C GLU A 222 4.97 -0.22 -35.11
N ASN A 223 4.49 -1.16 -34.29
CA ASN A 223 3.41 -2.02 -34.72
C ASN A 223 2.10 -1.25 -34.89
N TYR A 224 1.88 -0.20 -34.10
CA TYR A 224 0.57 0.44 -34.03
C TYR A 224 0.82 1.86 -33.51
N LYS A 225 1.09 2.77 -34.44
CA LYS A 225 1.68 4.05 -34.09
C LYS A 225 0.66 4.91 -33.35
N PRO A 226 1.00 5.48 -32.23
CA PRO A 226 0.05 6.34 -31.51
C PRO A 226 0.18 7.78 -31.98
N ASP A 227 -0.64 8.65 -31.40
CA ASP A 227 -0.69 10.05 -31.81
C ASP A 227 0.43 10.89 -31.21
N LYS A 228 1.09 10.40 -30.16
CA LYS A 228 2.18 11.11 -29.53
C LYS A 228 3.01 10.10 -28.75
N VAL A 229 4.33 10.31 -28.76
CA VAL A 229 5.28 9.45 -28.07
C VAL A 229 6.20 10.34 -27.25
N TYR A 230 6.22 10.15 -25.94
CA TYR A 230 7.18 10.81 -25.06
C TYR A 230 8.22 9.81 -24.57
N LYS A 231 9.41 10.31 -24.29
CA LYS A 231 10.54 9.51 -23.85
C LYS A 231 10.92 9.99 -22.45
N VAL A 232 10.97 9.07 -21.49
CA VAL A 232 11.36 9.43 -20.13
C VAL A 232 12.74 8.82 -19.87
N GLU A 233 13.77 9.66 -19.95
CA GLU A 233 15.14 9.19 -19.78
C GLU A 233 15.43 8.97 -18.30
N GLY A 234 16.09 7.86 -18.00
CA GLY A 234 16.38 7.49 -16.63
C GLY A 234 15.25 6.81 -15.89
N ALA A 235 14.19 6.41 -16.57
CA ALA A 235 13.03 5.82 -15.94
C ALA A 235 13.12 4.31 -16.00
N ASP A 236 12.98 3.65 -14.85
CA ASP A 236 12.77 2.20 -14.88
C ASP A 236 11.29 1.93 -15.14
N HIS A 237 10.84 0.72 -14.84
CA HIS A 237 9.44 0.38 -15.13
C HIS A 237 8.48 1.16 -14.25
N MET A 238 8.90 1.61 -13.07
CA MET A 238 8.03 2.32 -12.13
C MET A 238 8.32 3.82 -12.18
N ALA A 239 8.16 4.38 -13.39
CA ALA A 239 8.41 5.80 -13.62
C ALA A 239 7.55 6.68 -12.73
N MET A 240 6.32 6.26 -12.42
CA MET A 240 5.51 7.08 -11.53
C MET A 240 6.10 7.18 -10.14
N LEU A 241 7.10 6.37 -9.79
CA LEU A 241 7.76 6.50 -8.50
C LEU A 241 9.12 7.17 -8.55
N CYS A 242 9.91 6.94 -9.60
CA CYS A 242 11.22 7.57 -9.72
C CYS A 242 11.22 8.83 -10.61
N LYS A 243 10.27 8.96 -11.53
CA LYS A 243 10.21 10.12 -12.40
C LYS A 243 8.84 10.79 -12.31
N THR A 244 8.33 10.90 -11.08
CA THR A 244 6.95 11.36 -10.89
C THR A 244 6.76 12.77 -11.42
N LYS A 245 7.71 13.66 -11.14
CA LYS A 245 7.56 15.05 -11.53
C LYS A 245 7.55 15.20 -13.05
N GLU A 246 8.51 14.60 -13.72
CA GLU A 246 8.53 14.62 -15.18
C GLU A 246 7.28 13.97 -15.75
N LEU A 247 6.82 12.90 -15.14
CA LEU A 247 5.61 12.24 -15.63
C LEU A 247 4.40 13.16 -15.52
N ALA A 248 4.27 13.89 -14.41
CA ALA A 248 3.13 14.78 -14.28
C ALA A 248 3.17 15.89 -15.34
N GLU A 249 4.38 16.30 -15.74
CA GLU A 249 4.52 17.34 -16.75
C GLU A 249 4.13 16.83 -18.13
N ILE A 250 4.44 15.57 -18.45
CA ILE A 250 3.92 14.99 -19.68
C ILE A 250 2.40 14.93 -19.64
N LEU A 251 1.83 14.46 -18.52
CA LEU A 251 0.38 14.31 -18.47
C LEU A 251 -0.32 15.65 -18.58
N GLN A 252 0.29 16.73 -18.08
CA GLN A 252 -0.32 18.04 -18.28
C GLN A 252 -0.35 18.40 -19.75
N GLU A 253 0.77 18.16 -20.46
CA GLU A 253 0.79 18.39 -21.91
C GLU A 253 -0.34 17.62 -22.58
N VAL A 254 -0.56 16.37 -22.16
CA VAL A 254 -1.64 15.55 -22.70
C VAL A 254 -2.99 16.19 -22.41
N ALA A 255 -3.22 16.58 -21.15
CA ALA A 255 -4.49 17.20 -20.77
C ALA A 255 -4.78 18.43 -21.64
N ASP A 256 -3.76 19.26 -21.84
CA ASP A 256 -3.90 20.46 -22.67
C ASP A 256 -4.18 20.13 -24.13
N THR A 257 -3.66 19.01 -24.62
CA THR A 257 -3.85 18.68 -26.03
C THR A 257 -5.22 18.06 -26.29
N TYR A 258 -5.69 17.15 -25.42
CA TYR A 258 -6.86 16.32 -25.72
C TYR A 258 -8.05 16.77 -24.88
N ASN A 259 -8.91 17.60 -25.49
CA ASN A 259 -10.13 18.11 -24.89
C ASN A 259 -10.94 18.91 -25.91
N ALA A 260 -11.83 19.78 -25.44
CA ALA A 260 -12.60 20.68 -26.31
C ALA A 260 -12.04 20.67 -27.74
N ALA B 2 23.80 -4.04 18.28
CA ALA B 2 24.48 -5.33 18.31
C ALA B 2 23.80 -6.25 17.31
N PHE B 3 22.89 -5.65 16.54
CA PHE B 3 22.04 -6.28 15.53
C PHE B 3 20.84 -6.96 16.18
N ALA B 4 19.68 -6.33 16.02
CA ALA B 4 18.44 -6.76 16.60
C ALA B 4 17.50 -7.25 15.51
N HIS B 5 16.42 -7.85 15.95
CA HIS B 5 15.31 -8.23 15.08
C HIS B 5 14.12 -7.39 15.53
N PHE B 6 13.75 -6.39 14.73
CA PHE B 6 12.58 -5.57 15.01
C PHE B 6 11.35 -6.19 14.39
N VAL B 7 10.28 -6.28 15.18
CA VAL B 7 9.00 -6.72 14.68
C VAL B 7 8.06 -5.53 14.80
N LEU B 8 7.69 -4.98 13.64
CA LEU B 8 6.94 -3.74 13.54
C LEU B 8 5.46 -4.03 13.47
N VAL B 9 4.68 -3.36 14.31
CA VAL B 9 3.27 -3.66 14.50
C VAL B 9 2.48 -2.39 14.24
N HIS B 10 1.69 -2.40 13.19
CA HIS B 10 0.97 -1.23 12.73
C HIS B 10 -0.26 -0.97 13.59
N GLY B 11 -0.95 0.14 13.34
CA GLY B 11 -2.10 0.56 14.10
C GLY B 11 -3.42 0.26 13.39
N ALA B 12 -4.49 0.89 13.90
CA ALA B 12 -5.82 0.61 13.37
C ALA B 12 -5.94 1.11 11.93
N CYS B 13 -6.61 0.31 11.09
CA CYS B 13 -6.88 0.56 9.67
C CYS B 13 -5.62 0.57 8.81
N HIS B 14 -4.45 0.29 9.36
CA HIS B 14 -3.22 0.36 8.59
C HIS B 14 -2.68 -1.04 8.36
N GLY B 15 -1.47 -1.12 7.84
CA GLY B 15 -0.85 -2.41 7.62
C GLY B 15 0.66 -2.35 7.75
N GLY B 16 1.35 -3.43 7.35
CA GLY B 16 2.79 -3.37 7.26
C GLY B 16 3.29 -2.26 6.38
N TRP B 17 2.51 -1.89 5.35
CA TRP B 17 2.95 -0.85 4.43
C TRP B 17 3.27 0.47 5.14
N SER B 18 2.72 0.71 6.34
CA SER B 18 3.01 2.02 6.90
C SER B 18 4.43 2.11 7.42
N TRP B 19 5.14 1.00 7.54
CA TRP B 19 6.55 0.99 7.90
C TRP B 19 7.50 1.00 6.69
N HIS B 20 7.00 1.26 5.47
CA HIS B 20 7.83 1.06 4.27
C HIS B 20 9.01 2.02 4.18
N LYS B 21 8.98 3.14 4.89
CA LYS B 21 10.18 3.98 4.95
C LYS B 21 11.10 3.57 6.08
N LEU B 22 10.57 3.05 7.17
CA LEU B 22 11.43 2.79 8.32
C LEU B 22 12.22 1.51 8.15
N LYS B 23 11.58 0.46 7.64
CA LYS B 23 12.25 -0.81 7.42
C LYS B 23 13.58 -0.68 6.67
N PRO B 24 13.65 -0.06 5.48
CA PRO B 24 14.97 0.01 4.80
C PRO B 24 16.03 0.69 5.63
N LEU B 25 15.66 1.75 6.35
CA LEU B 25 16.60 2.44 7.23
C LEU B 25 17.17 1.46 8.26
N LEU B 26 16.30 0.68 8.91
CA LEU B 26 16.75 -0.25 9.94
C LEU B 26 17.65 -1.33 9.35
N GLU B 27 17.29 -1.85 8.18
CA GLU B 27 18.08 -2.90 7.55
C GLU B 27 19.46 -2.38 7.13
N ALA B 28 19.54 -1.12 6.70
CA ALA B 28 20.83 -0.50 6.40
C ALA B 28 21.65 -0.23 7.65
N LEU B 29 21.08 -0.40 8.83
CA LEU B 29 21.87 -0.39 10.05
C LEU B 29 22.29 -1.81 10.45
N GLY B 30 21.91 -2.82 9.67
CA GLY B 30 22.28 -4.20 9.93
C GLY B 30 21.25 -5.03 10.67
N HIS B 31 20.04 -4.54 10.85
CA HIS B 31 19.05 -5.27 11.62
C HIS B 31 18.14 -6.10 10.71
N LYS B 32 17.56 -7.12 11.29
CA LYS B 32 16.46 -7.84 10.67
C LYS B 32 15.16 -7.15 11.04
N VAL B 33 14.26 -6.99 10.07
CA VAL B 33 13.01 -6.28 10.27
C VAL B 33 11.87 -7.09 9.70
N THR B 34 10.81 -7.26 10.50
CA THR B 34 9.61 -7.99 10.11
C THR B 34 8.42 -7.03 10.26
N ALA B 35 7.80 -6.65 9.14
CA ALA B 35 6.63 -5.76 9.14
C ALA B 35 5.40 -6.61 8.81
N LEU B 36 4.62 -6.93 9.84
CA LEU B 36 3.47 -7.80 9.66
C LEU B 36 2.23 -7.03 9.23
N ASP B 37 1.34 -7.73 8.54
CA ASP B 37 -0.06 -7.35 8.47
C ASP B 37 -0.80 -8.11 9.56
N LEU B 38 -1.54 -7.38 10.39
CA LEU B 38 -2.39 -8.07 11.36
C LEU B 38 -3.61 -8.62 10.63
N ALA B 39 -4.46 -9.34 11.36
CA ALA B 39 -5.64 -9.92 10.73
C ALA B 39 -6.47 -8.85 10.04
N ALA B 40 -6.91 -9.14 8.82
CA ALA B 40 -7.74 -8.24 8.00
C ALA B 40 -7.13 -6.85 7.87
N SER B 41 -5.80 -6.77 7.80
CA SER B 41 -5.10 -5.52 7.60
C SER B 41 -4.16 -5.65 6.41
N GLY B 42 -3.87 -4.52 5.76
CA GLY B 42 -2.97 -4.56 4.61
C GLY B 42 -3.51 -5.48 3.54
N VAL B 43 -2.72 -6.45 3.11
CA VAL B 43 -3.18 -7.36 2.07
C VAL B 43 -3.58 -8.71 2.66
N ASP B 44 -3.75 -8.79 3.98
CA ASP B 44 -4.26 -10.00 4.58
C ASP B 44 -5.65 -10.29 4.01
N PRO B 45 -5.93 -11.52 3.60
CA PRO B 45 -7.20 -11.80 2.90
C PRO B 45 -8.43 -11.92 3.80
N ARG B 46 -8.29 -11.99 5.12
CA ARG B 46 -9.46 -12.00 5.98
C ARG B 46 -10.14 -10.63 5.92
N GLN B 47 -11.46 -10.61 6.12
CA GLN B 47 -12.18 -9.35 6.27
C GLN B 47 -12.53 -9.10 7.72
N ILE B 48 -12.84 -7.84 8.03
CA ILE B 48 -13.04 -7.40 9.42
C ILE B 48 -14.15 -8.20 10.12
N GLU B 49 -15.16 -8.65 9.38
CA GLU B 49 -16.26 -9.39 9.98
C GLU B 49 -15.81 -10.72 10.57
N GLU B 50 -14.70 -11.26 10.09
CA GLU B 50 -14.19 -12.54 10.56
C GLU B 50 -13.50 -12.46 11.91
N LEU B 51 -13.38 -11.27 12.49
CA LEU B 51 -12.67 -11.08 13.74
C LEU B 51 -13.65 -10.70 14.84
N GLY B 52 -13.60 -11.44 15.94
CA GLY B 52 -14.41 -11.13 17.10
C GLY B 52 -13.62 -10.38 18.18
N THR B 53 -12.38 -10.81 18.42
CA THR B 53 -11.60 -10.35 19.56
C THR B 53 -10.25 -9.78 19.12
N LEU B 54 -9.67 -8.96 20.00
CA LEU B 54 -8.33 -8.44 19.77
C LEU B 54 -7.30 -9.57 19.64
N ASP B 55 -7.54 -10.69 20.32
CA ASP B 55 -6.61 -11.82 20.24
C ASP B 55 -6.65 -12.45 18.87
N GLU B 56 -7.84 -12.61 18.29
CA GLU B 56 -7.93 -13.06 16.90
C GLU B 56 -7.24 -12.09 15.96
N TYR B 57 -7.36 -10.79 16.25
CA TYR B 57 -6.77 -9.77 15.39
C TYR B 57 -5.25 -9.88 15.41
N THR B 58 -4.67 -10.20 16.57
CA THR B 58 -3.24 -10.29 16.79
C THR B 58 -2.62 -11.58 16.24
N GLU B 59 -3.43 -12.48 15.67
CA GLU B 59 -2.94 -13.81 15.30
C GLU B 59 -1.65 -13.79 14.48
N PRO B 60 -1.51 -12.98 13.42
CA PRO B 60 -0.25 -13.05 12.65
C PRO B 60 0.97 -12.72 13.48
N LEU B 61 0.83 -11.85 14.49
CA LEU B 61 1.96 -11.57 15.38
C LEU B 61 2.23 -12.75 16.32
N LEU B 62 1.18 -13.34 16.89
CA LEU B 62 1.36 -14.49 17.76
C LEU B 62 1.97 -15.65 17.00
N THR B 63 1.42 -15.94 15.82
CA THR B 63 1.98 -16.98 14.96
C THR B 63 3.45 -16.75 14.65
N PHE B 64 3.82 -15.51 14.30
CA PHE B 64 5.22 -15.21 14.04
C PHE B 64 6.09 -15.48 15.26
N LEU B 65 5.68 -14.96 16.41
CA LEU B 65 6.47 -15.13 17.63
C LEU B 65 6.59 -16.60 18.01
N GLU B 66 5.48 -17.35 17.85
CA GLU B 66 5.50 -18.78 18.11
C GLU B 66 6.61 -19.50 17.33
N ALA B 67 6.79 -19.14 16.06
CA ALA B 67 7.70 -19.86 15.18
C ALA B 67 9.14 -19.42 15.29
N LEU B 68 9.46 -18.48 16.17
CA LEU B 68 10.84 -18.06 16.34
C LEU B 68 11.66 -19.21 16.92
N PRO B 69 12.85 -19.47 16.37
CA PRO B 69 13.68 -20.57 16.87
C PRO B 69 14.33 -20.21 18.20
N PRO B 70 14.76 -21.20 19.00
CA PRO B 70 15.30 -20.90 20.32
C PRO B 70 16.43 -19.89 20.29
N GLY B 71 16.42 -18.99 21.27
CA GLY B 71 17.42 -17.94 21.38
C GLY B 71 17.08 -16.65 20.66
N GLU B 72 16.19 -16.70 19.67
CA GLU B 72 15.84 -15.50 18.93
C GLU B 72 14.92 -14.63 19.78
N LYS B 73 15.37 -13.44 20.13
CA LYS B 73 14.54 -12.47 20.82
C LYS B 73 14.37 -11.24 19.93
N VAL B 74 13.22 -10.57 20.08
CA VAL B 74 12.89 -9.47 19.19
C VAL B 74 12.60 -8.21 20.01
N ILE B 75 12.75 -7.07 19.34
CA ILE B 75 12.29 -5.80 19.87
C ILE B 75 10.98 -5.47 19.18
N LEU B 76 9.88 -5.42 19.94
CA LEU B 76 8.60 -5.10 19.34
C LEU B 76 8.45 -3.59 19.27
N VAL B 77 7.82 -3.13 18.20
CA VAL B 77 7.52 -1.71 18.00
C VAL B 77 6.06 -1.66 17.58
N GLY B 78 5.21 -1.10 18.45
CA GLY B 78 3.79 -1.00 18.19
C GLY B 78 3.42 0.45 17.98
N HIS B 79 2.58 0.70 16.98
CA HIS B 79 2.08 2.03 16.69
C HIS B 79 0.59 2.06 17.04
N SER B 80 0.19 3.08 17.80
CA SER B 80 -1.24 3.36 18.09
C SER B 80 -1.91 2.14 18.72
N LEU B 81 -2.98 1.59 18.13
CA LEU B 81 -3.59 0.37 18.64
C LEU B 81 -2.60 -0.80 18.71
N GLY B 82 -1.57 -0.80 17.84
CA GLY B 82 -0.54 -1.83 17.91
C GLY B 82 0.02 -2.04 19.29
N GLY B 83 -0.02 -1.01 20.13
CA GLY B 83 0.38 -1.17 21.51
C GLY B 83 -0.43 -2.23 22.24
N MET B 84 -1.73 -2.33 21.96
CA MET B 84 -2.50 -3.38 22.61
C MET B 84 -2.08 -4.74 22.07
N ASN B 85 -1.68 -4.80 20.80
CA ASN B 85 -1.13 -6.02 20.24
C ASN B 85 0.14 -6.42 20.96
N LEU B 86 0.97 -5.44 21.33
CA LEU B 86 2.18 -5.76 22.06
C LEU B 86 1.83 -6.36 23.40
N GLY B 87 0.87 -5.76 24.10
CA GLY B 87 0.44 -6.30 25.38
C GLY B 87 0.00 -7.74 25.26
N ILE B 88 -0.84 -8.04 24.26
CA ILE B 88 -1.30 -9.42 24.07
C ILE B 88 -0.11 -10.34 23.83
N ALA B 89 0.80 -9.95 22.93
CA ALA B 89 1.92 -10.83 22.59
C ALA B 89 2.86 -11.04 23.79
N ALA B 90 3.10 -9.98 24.56
CA ALA B 90 4.04 -10.08 25.68
C ALA B 90 3.51 -10.98 26.80
N ASP B 91 2.20 -11.02 27.00
CA ASP B 91 1.68 -11.97 27.97
C ASP B 91 1.74 -13.40 27.47
N LYS B 92 2.05 -13.62 26.19
CA LYS B 92 2.09 -14.99 25.69
C LYS B 92 3.48 -15.47 25.35
N TYR B 93 4.40 -14.56 25.04
CA TYR B 93 5.74 -14.90 24.55
C TYR B 93 6.78 -13.99 25.17
N CYS B 94 6.62 -13.68 26.46
CA CYS B 94 7.52 -12.71 27.07
C CYS B 94 8.98 -13.18 27.02
N GLU B 95 9.19 -14.50 26.99
CA GLU B 95 10.55 -15.04 26.88
C GLU B 95 11.24 -14.65 25.59
N LYS B 96 10.48 -14.32 24.55
CA LYS B 96 11.02 -14.04 23.23
C LYS B 96 11.13 -12.56 22.94
N ILE B 97 10.83 -11.70 23.90
CA ILE B 97 10.73 -10.27 23.64
C ILE B 97 11.84 -9.58 24.41
N ALA B 98 12.78 -8.99 23.67
CA ALA B 98 13.86 -8.23 24.30
C ALA B 98 13.35 -6.92 24.88
N ALA B 99 12.54 -6.18 24.13
CA ALA B 99 11.90 -4.98 24.64
C ALA B 99 10.71 -4.64 23.75
N ALA B 100 9.83 -3.79 24.26
CA ALA B 100 8.67 -3.35 23.50
C ALA B 100 8.68 -1.85 23.44
N VAL B 101 8.52 -1.33 22.24
CA VAL B 101 8.52 0.10 21.96
C VAL B 101 7.10 0.53 21.69
N PHE B 102 6.69 1.61 22.32
CA PHE B 102 5.34 2.13 22.16
C PHE B 102 5.48 3.46 21.45
N LEU B 103 5.21 3.44 20.13
CA LEU B 103 5.33 4.64 19.30
C LEU B 103 3.96 5.30 19.21
N ALA B 104 3.80 6.42 19.92
CA ALA B 104 2.51 7.12 20.04
C ALA B 104 1.36 6.13 20.22
N ALA B 105 1.54 5.12 21.06
CA ALA B 105 0.66 3.96 21.07
C ALA B 105 -0.17 3.92 22.34
N PHE B 106 -1.13 3.00 22.37
CA PHE B 106 -1.83 2.68 23.62
C PHE B 106 -0.96 1.75 24.44
N MET B 107 -0.59 2.19 25.63
CA MET B 107 0.26 1.41 26.54
C MET B 107 -0.53 1.07 27.78
N PRO B 108 -1.08 -0.14 27.87
CA PRO B 108 -1.84 -0.55 29.06
C PRO B 108 -0.95 -0.70 30.29
N ASP B 109 -1.58 -0.73 31.47
CA ASP B 109 -0.82 -1.06 32.68
C ASP B 109 -1.21 -2.46 33.16
N THR B 110 -0.73 -2.85 34.35
CA THR B 110 -1.17 -4.09 34.97
C THR B 110 -2.18 -3.90 36.09
N GLU B 111 -2.35 -2.66 36.60
CA GLU B 111 -3.23 -2.43 37.74
C GLU B 111 -4.71 -2.34 37.35
N HIS B 112 -5.03 -1.74 36.20
CA HIS B 112 -6.40 -1.71 35.71
C HIS B 112 -6.64 -2.84 34.71
N CYS B 113 -7.91 -3.05 34.37
CA CYS B 113 -8.24 -4.06 33.38
C CYS B 113 -7.62 -3.70 32.01
N SER B 114 -7.52 -4.69 31.14
CA SER B 114 -6.74 -4.52 29.90
C SER B 114 -7.30 -3.41 29.03
N SER B 115 -8.62 -3.21 29.01
CA SER B 115 -9.21 -2.23 28.11
C SER B 115 -9.19 -0.81 28.68
N PHE B 116 -8.49 -0.61 29.81
CA PHE B 116 -8.58 0.64 30.55
C PHE B 116 -8.15 1.84 29.72
N VAL B 117 -6.95 1.79 29.14
CA VAL B 117 -6.45 2.98 28.44
C VAL B 117 -7.32 3.31 27.23
N LEU B 118 -7.96 2.31 26.63
CA LEU B 118 -8.83 2.59 25.50
C LEU B 118 -10.14 3.23 25.95
N GLU B 119 -10.74 2.69 27.03
CA GLU B 119 -11.93 3.31 27.59
C GLU B 119 -11.64 4.77 27.95
N GLN B 120 -10.48 5.02 28.52
CA GLN B 120 -10.12 6.38 28.92
C GLN B 120 -9.98 7.29 27.70
N TYR B 121 -9.22 6.84 26.69
CA TYR B 121 -9.07 7.62 25.48
C TYR B 121 -10.42 7.93 24.89
N ASN B 122 -11.27 6.90 24.77
CA ASN B 122 -12.58 7.10 24.19
C ASN B 122 -13.35 8.18 24.94
N GLU B 123 -13.43 8.05 26.28
CA GLU B 123 -14.18 9.02 27.07
C GLU B 123 -13.58 10.41 26.96
N ARG B 124 -12.27 10.52 26.71
CA ARG B 124 -11.65 11.83 26.59
C ARG B 124 -11.67 12.37 25.17
N THR B 125 -12.27 11.66 24.23
CA THR B 125 -12.24 12.13 22.84
C THR B 125 -13.65 12.49 22.40
N PRO B 126 -13.96 13.77 22.26
CA PRO B 126 -15.30 14.17 21.79
C PRO B 126 -15.58 13.60 20.40
N ALA B 127 -16.85 13.25 20.18
CA ALA B 127 -17.22 12.55 18.95
C ALA B 127 -16.82 13.33 17.70
N GLU B 128 -16.66 14.65 17.81
CA GLU B 128 -16.33 15.49 16.66
C GLU B 128 -14.86 15.40 16.25
N ASN B 129 -13.99 14.82 17.08
CA ASN B 129 -12.61 14.64 16.63
C ASN B 129 -12.49 13.55 15.58
N TRP B 130 -13.49 12.69 15.47
CA TRP B 130 -13.45 11.60 14.50
C TRP B 130 -13.78 12.06 13.09
N LEU B 131 -14.27 13.30 12.91
CA LEU B 131 -14.55 13.86 11.60
C LEU B 131 -15.39 12.89 10.79
N ASP B 132 -14.86 12.45 9.65
CA ASP B 132 -15.60 11.59 8.73
C ASP B 132 -15.34 10.10 8.95
N THR B 133 -14.75 9.73 10.09
CA THR B 133 -14.61 8.32 10.39
C THR B 133 -15.98 7.63 10.38
N GLN B 134 -16.03 6.44 9.77
CA GLN B 134 -17.26 5.67 9.64
C GLN B 134 -17.30 4.59 10.72
N PHE B 135 -18.32 4.64 11.57
CA PHE B 135 -18.54 3.62 12.60
C PHE B 135 -19.76 2.81 12.20
N LEU B 136 -19.55 1.55 11.87
CA LEU B 136 -20.64 0.64 11.58
C LEU B 136 -20.56 -0.50 12.58
N THR B 137 -21.59 -1.34 12.58
CA THR B 137 -21.63 -2.50 13.45
C THR B 137 -21.79 -3.75 12.60
N TYR B 138 -21.15 -4.84 13.05
CA TYR B 138 -21.38 -6.16 12.50
C TYR B 138 -21.48 -7.13 13.67
N THR B 139 -21.90 -8.36 13.39
CA THR B 139 -21.87 -9.38 14.45
C THR B 139 -21.24 -10.68 13.94
N LYS B 140 -20.41 -11.29 14.79
CA LYS B 140 -19.70 -12.52 14.41
N ILE B 145 -20.38 -6.10 17.29
CA ILE B 145 -19.03 -5.54 17.31
C ILE B 145 -19.04 -4.26 16.46
N THR B 146 -18.43 -3.19 16.96
CA THR B 146 -18.39 -1.93 16.24
C THR B 146 -17.10 -1.85 15.41
N SER B 147 -17.27 -1.65 14.10
CA SER B 147 -16.14 -1.50 13.19
C SER B 147 -15.86 -0.04 12.96
N MET B 148 -14.59 0.30 12.85
CA MET B 148 -14.14 1.67 12.66
C MET B 148 -13.38 1.77 11.35
N PHE B 149 -13.62 2.84 10.59
CA PHE B 149 -12.95 3.03 9.29
C PHE B 149 -12.71 4.50 9.05
N PHE B 150 -11.46 4.94 9.23
CA PHE B 150 -11.13 6.37 9.10
C PHE B 150 -11.45 6.88 7.70
N GLY B 151 -11.99 8.09 7.65
CA GLY B 151 -12.26 8.80 6.42
C GLY B 151 -11.11 9.71 6.04
N PRO B 152 -11.16 10.27 4.83
CA PRO B 152 -10.02 11.06 4.34
C PRO B 152 -9.76 12.31 5.15
N LYS B 153 -10.80 13.00 5.62
CA LYS B 153 -10.56 14.20 6.42
C LYS B 153 -9.88 13.86 7.74
N PHE B 154 -10.31 12.77 8.38
CA PHE B 154 -9.64 12.33 9.60
C PHE B 154 -8.16 12.05 9.34
N LEU B 155 -7.88 11.24 8.31
CA LEU B 155 -6.50 10.95 7.93
C LEU B 155 -5.71 12.24 7.71
N ALA B 156 -6.28 13.17 6.93
CA ALA B 156 -5.57 14.38 6.54
C ALA B 156 -5.33 15.31 7.71
N HIS B 157 -6.31 15.41 8.60
CA HIS B 157 -6.29 16.38 9.69
C HIS B 157 -5.81 15.83 11.01
N LYS B 158 -6.03 14.54 11.28
CA LYS B 158 -5.71 13.99 12.60
C LYS B 158 -4.48 13.08 12.64
N LEU B 159 -4.16 12.39 11.55
CA LEU B 159 -3.02 11.49 11.56
C LEU B 159 -1.84 11.97 10.72
N TYR B 160 -2.10 12.54 9.53
CA TYR B 160 -1.07 12.81 8.54
C TYR B 160 -0.79 14.31 8.32
N GLN B 161 -1.27 15.18 9.21
CA GLN B 161 -1.22 16.61 8.91
C GLN B 161 0.20 17.15 8.77
N LEU B 162 1.20 16.49 9.33
CA LEU B 162 2.57 16.95 9.08
C LEU B 162 3.31 16.03 8.11
N GLY B 164 3.73 14.33 4.07
CA GLY B 164 3.67 14.84 2.71
C GLY B 164 2.39 14.39 2.02
N PRO B 165 2.04 15.04 0.92
CA PRO B 165 0.83 14.63 0.18
C PRO B 165 0.87 13.18 -0.26
N GLU B 166 2.07 12.64 -0.55
CA GLU B 166 2.16 11.26 -1.01
C GLU B 166 1.89 10.25 0.12
N ASP B 167 2.27 10.59 1.36
CA ASP B 167 1.92 9.71 2.48
C ASP B 167 0.41 9.66 2.70
N LEU B 168 -0.23 10.83 2.73
CA LEU B 168 -1.68 10.88 2.92
C LEU B 168 -2.40 10.12 1.82
N GLU B 169 -2.01 10.35 0.55
CA GLU B 169 -2.63 9.63 -0.55
C GLU B 169 -2.45 8.13 -0.40
N LEU B 170 -1.24 7.68 -0.06
CA LEU B 170 -1.00 6.25 0.09
C LEU B 170 -1.97 5.68 1.11
N ALA B 171 -2.16 6.39 2.22
CA ALA B 171 -3.09 5.90 3.24
C ALA B 171 -4.53 5.85 2.74
N SER B 172 -4.96 6.87 1.97
CA SER B 172 -6.31 6.81 1.41
C SER B 172 -6.47 5.63 0.49
N MET B 173 -5.40 5.25 -0.21
CA MET B 173 -5.43 4.09 -1.09
C MET B 173 -5.41 2.76 -0.33
N LEU B 174 -5.00 2.74 0.95
CA LEU B 174 -4.75 1.47 1.61
C LEU B 174 -5.50 1.23 2.92
N VAL B 175 -6.08 2.24 3.56
CA VAL B 175 -6.72 1.97 4.85
C VAL B 175 -7.90 1.02 4.65
N ARG B 176 -8.12 0.17 5.64
CA ARG B 176 -9.17 -0.83 5.65
C ARG B 176 -9.88 -0.73 6.99
N PRO B 177 -11.11 -1.24 7.08
CA PRO B 177 -11.84 -1.15 8.34
C PRO B 177 -11.14 -1.92 9.45
N SER B 178 -11.31 -1.42 10.68
CA SER B 178 -10.74 -2.06 11.85
C SER B 178 -11.80 -2.13 12.95
N SER B 179 -11.40 -2.67 14.09
CA SER B 179 -12.29 -2.75 15.25
C SER B 179 -11.50 -2.40 16.49
N LEU B 180 -12.23 -2.04 17.55
CA LEU B 180 -11.65 -1.96 18.89
C LEU B 180 -11.94 -3.19 19.72
N MET B 181 -12.57 -4.20 19.13
CA MET B 181 -13.02 -5.46 19.73
C MET B 181 -13.19 -5.44 21.25
N PRO B 189 -9.50 -10.03 31.14
CA PRO B 189 -9.14 -9.61 32.49
C PRO B 189 -8.11 -8.48 32.52
N PHE B 190 -6.92 -8.82 32.99
CA PHE B 190 -5.81 -7.90 33.15
C PHE B 190 -4.60 -8.48 32.44
N PHE B 191 -3.70 -7.60 32.02
CA PHE B 191 -2.39 -8.06 31.60
C PHE B 191 -1.58 -8.42 32.85
N THR B 192 -0.84 -9.52 32.77
CA THR B 192 -0.18 -10.08 33.95
C THR B 192 1.15 -9.39 34.23
N LYS B 193 1.52 -9.36 35.51
CA LYS B 193 2.84 -8.88 35.88
C LYS B 193 3.93 -9.87 35.45
N GLU B 194 3.62 -11.16 35.36
CA GLU B 194 4.68 -12.11 35.05
C GLU B 194 5.07 -12.02 33.58
N GLY B 195 4.09 -11.76 32.70
CA GLY B 195 4.34 -11.59 31.28
C GLY B 195 4.56 -10.15 30.91
N TYR B 196 3.52 -9.49 30.38
CA TYR B 196 3.61 -8.08 29.95
C TYR B 196 4.37 -7.23 30.95
N GLY B 197 4.06 -7.37 32.23
CA GLY B 197 4.69 -6.53 33.24
C GLY B 197 6.19 -6.68 33.32
N SER B 198 6.72 -7.84 32.94
CA SER B 198 8.15 -8.07 33.12
C SER B 198 9.01 -7.51 31.99
N ILE B 199 8.44 -7.15 30.86
CA ILE B 199 9.30 -6.82 29.73
C ILE B 199 9.66 -5.34 29.80
N LYS B 200 10.83 -5.00 29.26
CA LYS B 200 11.29 -3.62 29.25
C LYS B 200 10.47 -2.84 28.24
N LYS B 201 10.12 -1.60 28.58
CA LYS B 201 9.22 -0.84 27.75
C LYS B 201 9.79 0.54 27.47
N ILE B 202 9.65 0.98 26.22
CA ILE B 202 10.09 2.30 25.79
C ILE B 202 8.89 2.98 25.14
N TYR B 203 8.65 4.23 25.52
CA TYR B 203 7.61 5.02 24.89
C TYR B 203 8.26 6.13 24.09
N ILE B 204 7.81 6.31 22.84
CA ILE B 204 8.22 7.43 22.00
C ILE B 204 7.03 8.36 21.84
N VAL B 205 7.18 9.57 22.36
CA VAL B 205 6.13 10.59 22.32
C VAL B 205 6.23 11.37 21.01
N CYS B 206 5.10 11.48 20.30
CA CYS B 206 5.01 12.25 19.05
C CYS B 206 4.29 13.56 19.36
N THR B 207 5.05 14.65 19.44
CA THR B 207 4.59 15.85 20.11
C THR B 207 3.41 16.51 19.41
N GLU B 208 3.34 16.40 18.08
CA GLU B 208 2.30 17.06 17.28
C GLU B 208 1.14 16.14 16.94
N ASP B 209 1.07 14.97 17.56
CA ASP B 209 0.02 14.00 17.31
C ASP B 209 -1.35 14.60 17.62
N LYS B 210 -2.28 14.50 16.66
CA LYS B 210 -3.66 14.90 16.88
C LYS B 210 -4.61 13.72 16.85
N GLY B 211 -4.11 12.50 16.70
CA GLY B 211 -4.95 11.33 16.86
C GLY B 211 -4.88 10.83 18.29
N ILE B 212 -3.66 10.70 18.80
CA ILE B 212 -3.43 10.45 20.21
C ILE B 212 -2.55 11.60 20.71
N PRO B 213 -3.15 12.65 21.27
CA PRO B 213 -2.39 13.87 21.58
C PRO B 213 -1.32 13.63 22.62
N GLU B 214 -0.32 14.51 22.61
CA GLU B 214 0.80 14.36 23.53
C GLU B 214 0.32 14.26 24.98
N GLU B 215 -0.70 15.05 25.34
CA GLU B 215 -1.16 15.05 26.73
C GLU B 215 -1.68 13.68 27.15
N PHE B 216 -2.24 12.92 26.22
CA PHE B 216 -2.67 11.56 26.54
C PHE B 216 -1.49 10.59 26.54
N GLN B 217 -0.55 10.76 25.61
CA GLN B 217 0.67 9.95 25.63
C GLN B 217 1.41 10.14 26.94
N ARG B 218 1.58 11.40 27.36
CA ARG B 218 2.26 11.65 28.62
C ARG B 218 1.46 11.09 29.80
N TRP B 219 0.12 11.13 29.74
CA TRP B 219 -0.69 10.53 30.80
C TRP B 219 -0.37 9.04 30.95
N GLN B 220 -0.42 8.28 29.83
CA GLN B 220 -0.13 6.86 29.88
C GLN B 220 1.25 6.59 30.48
N ILE B 221 2.22 7.46 30.15
CA ILE B 221 3.57 7.32 30.71
C ILE B 221 3.53 7.49 32.21
N GLU B 222 2.81 8.51 32.70
CA GLU B 222 2.71 8.73 34.14
C GLU B 222 1.91 7.63 34.83
N ASN B 223 0.86 7.12 34.18
CA ASN B 223 0.14 5.98 34.71
C ASN B 223 1.03 4.75 34.90
N TYR B 224 2.03 4.57 34.02
CA TYR B 224 2.74 3.28 33.96
C TYR B 224 4.14 3.55 33.43
N LYS B 225 5.05 3.93 34.32
CA LYS B 225 6.30 4.52 33.90
C LYS B 225 7.12 3.52 33.10
N PRO B 226 7.45 3.79 31.85
CA PRO B 226 8.29 2.87 31.09
C PRO B 226 9.75 2.98 31.55
N ASP B 227 10.57 2.05 31.06
CA ASP B 227 12.00 2.09 31.37
C ASP B 227 12.68 3.29 30.72
N LYS B 228 12.12 3.85 29.65
CA LYS B 228 12.76 4.95 28.96
C LYS B 228 11.70 5.63 28.09
N VAL B 229 11.79 6.95 28.00
CA VAL B 229 10.89 7.74 27.19
C VAL B 229 11.73 8.57 26.22
N TYR B 230 11.37 8.49 24.94
CA TYR B 230 11.90 9.38 23.92
C TYR B 230 10.80 10.31 23.46
N LYS B 231 11.21 11.45 22.92
CA LYS B 231 10.32 12.47 22.39
C LYS B 231 10.81 12.83 20.99
N VAL B 232 9.87 12.94 20.04
CA VAL B 232 10.19 13.28 18.66
C VAL B 232 9.51 14.60 18.35
N GLU B 233 10.26 15.69 18.43
CA GLU B 233 9.69 17.01 18.15
C GLU B 233 9.26 17.10 16.69
N GLY B 234 8.09 17.70 16.47
CA GLY B 234 7.58 17.91 15.13
C GLY B 234 6.91 16.72 14.50
N ALA B 235 6.67 15.64 15.24
CA ALA B 235 6.07 14.45 14.65
C ALA B 235 4.55 14.49 14.80
N ASP B 236 3.83 14.16 13.72
CA ASP B 236 2.41 13.88 13.88
C ASP B 236 2.22 12.43 14.31
N HIS B 237 1.00 11.92 14.17
CA HIS B 237 0.76 10.54 14.57
C HIS B 237 1.64 9.58 13.78
N MET B 238 2.04 9.99 12.59
CA MET B 238 2.58 9.12 11.56
C MET B 238 4.09 9.28 11.50
N ALA B 239 4.72 9.16 12.67
CA ALA B 239 6.13 9.51 12.82
C ALA B 239 7.03 8.65 11.94
N MET B 240 6.64 7.41 11.64
CA MET B 240 7.51 6.62 10.79
C MET B 240 7.46 7.06 9.34
N LEU B 241 6.60 8.01 8.99
CA LEU B 241 6.50 8.54 7.63
C LEU B 241 7.05 9.94 7.48
N CYS B 242 6.96 10.78 8.51
CA CYS B 242 7.46 12.16 8.44
C CYS B 242 8.72 12.39 9.24
N LYS B 243 9.05 11.52 10.19
CA LYS B 243 10.26 11.65 10.99
C LYS B 243 11.02 10.34 10.99
N THR B 244 11.09 9.70 9.82
CA THR B 244 11.63 8.35 9.73
C THR B 244 13.06 8.28 10.26
N LYS B 245 13.89 9.26 9.91
CA LYS B 245 15.29 9.19 10.30
C LYS B 245 15.47 9.29 11.81
N GLU B 246 14.74 10.20 12.45
CA GLU B 246 14.87 10.34 13.90
C GLU B 246 14.38 9.08 14.60
N LEU B 247 13.27 8.51 14.14
CA LEU B 247 12.80 7.25 14.70
C LEU B 247 13.87 6.16 14.59
N ALA B 248 14.55 6.08 13.45
CA ALA B 248 15.56 5.04 13.29
C ALA B 248 16.73 5.25 14.25
N GLU B 249 17.12 6.50 14.50
CA GLU B 249 18.17 6.76 15.47
C GLU B 249 17.74 6.32 16.86
N ILE B 250 16.46 6.51 17.19
CA ILE B 250 15.96 6.08 18.49
C ILE B 250 15.99 4.57 18.60
N LEU B 251 15.46 3.89 17.58
CA LEU B 251 15.45 2.43 17.62
C LEU B 251 16.85 1.85 17.59
N GLN B 252 17.82 2.57 17.02
CA GLN B 252 19.20 2.11 17.11
C GLN B 252 19.68 2.13 18.54
N GLU B 253 19.44 3.25 19.24
CA GLU B 253 19.76 3.35 20.66
C GLU B 253 19.09 2.26 21.48
N VAL B 254 17.81 2.02 21.20
CA VAL B 254 17.08 0.95 21.88
C VAL B 254 17.76 -0.39 21.64
N ALA B 255 18.11 -0.67 20.39
CA ALA B 255 18.80 -1.93 20.06
C ALA B 255 20.09 -2.08 20.85
N ASP B 256 20.86 -0.99 20.97
CA ASP B 256 22.14 -1.06 21.68
C ASP B 256 21.93 -1.41 23.15
N THR B 257 20.93 -0.77 23.77
CA THR B 257 20.68 -0.96 25.19
C THR B 257 20.19 -2.37 25.50
N TYR B 258 19.13 -2.81 24.83
CA TYR B 258 18.53 -4.12 25.06
C TYR B 258 19.14 -5.08 24.03
N ASN B 259 20.24 -5.71 24.40
CA ASN B 259 21.01 -6.53 23.48
C ASN B 259 22.48 -6.12 23.52
#